data_9EJJ
#
_entry.id   9EJJ
#
_cell.length_a   56.061
_cell.length_b   44.660
_cell.length_c   120.400
_cell.angle_alpha   90.000
_cell.angle_beta   101.828
_cell.angle_gamma   90.000
#
_symmetry.space_group_name_H-M   'P 1 21 1'
#
loop_
_entity.id
_entity.type
_entity.pdbx_description
1 polymer 'Tyrosine-protein kinase BTK'
2 non-polymer 4-{4-amino-1-[(3R)-1-(cyclopropanecarbonyl)piperidin-3-yl]-1H-pyrazolo[3,4-d]pyrimidin-3-yl}-N-[4-(trifluoromethoxy)pyridin-2-yl]benzamide
3 water water
#
_entity_poly.entity_id   1
_entity_poly.type   'polypeptide(L)'
_entity_poly.pdbx_seq_one_letter_code
;MKNAPSTAGGGYGSWEIDPKDLTFLKELGTGQFGVVKYGKWRGQYDVAIKMIREGSMSEDEFIEEAKVMMNLSHEKLVQL
YGVCTKQRPIFIITEYMANGCLLNYLREMRHRFQTQQLLEMCKDVCEAMEYLESKQFLHRDLAARNCLVNDQGVVKVSDF
GLSRYVLDDEETSSVGSKFPVRWSPPEVLMYSKFSSKSDIWAFGVLMWEIYSLGKMPYERFTNSETAEHIAQGLRLPRPH
LASERVYTIMYSCWHEKADERPSFKILLSNILDVMDEES
;
_entity_poly.pdbx_strand_id   A,B
#
loop_
_chem_comp.id
_chem_comp.type
_chem_comp.name
_chem_comp.formula
A1BIZ non-polymer 4-{4-amino-1-[(3R)-1-(cyclopropanecarbonyl)piperidin-3-yl]-1H-pyrazolo[3,4-d]pyrimidin-3-yl}-N-[4-(trifluoromethoxy)pyridin-2-yl]benzamide 'C27 H25 F3 N8 O3'
#
# COMPACT_ATOMS: atom_id res chain seq x y z
N SER A 14 1.14 0.91 24.79
CA SER A 14 2.12 1.07 23.72
C SER A 14 2.12 -0.14 22.79
N TRP A 15 3.32 -0.54 22.36
CA TRP A 15 3.48 -1.69 21.47
C TRP A 15 3.96 -2.93 22.22
N GLU A 16 3.86 -2.94 23.55
CA GLU A 16 4.28 -4.09 24.33
C GLU A 16 3.23 -5.19 24.28
N ILE A 17 3.67 -6.40 24.00
CA ILE A 17 2.80 -7.58 23.97
C ILE A 17 3.11 -8.44 25.18
N ASP A 18 2.08 -8.99 25.80
CA ASP A 18 2.26 -9.86 26.95
C ASP A 18 2.87 -11.18 26.51
N PRO A 19 4.10 -11.50 26.93
CA PRO A 19 4.70 -12.78 26.51
C PRO A 19 3.89 -14.00 26.96
N LYS A 20 3.10 -13.88 28.03
CA LYS A 20 2.26 -14.98 28.48
C LYS A 20 1.04 -15.19 27.59
N ASP A 21 0.79 -14.31 26.63
CA ASP A 21 -0.29 -14.47 25.67
C ASP A 21 0.18 -15.05 24.35
N LEU A 22 1.42 -15.54 24.29
CA LEU A 22 1.99 -16.14 23.09
C LEU A 22 2.10 -17.65 23.25
N THR A 23 2.16 -18.34 22.12
CA THR A 23 2.30 -19.79 22.11
C THR A 23 3.20 -20.18 20.94
N PHE A 24 4.24 -20.96 21.24
CA PHE A 24 5.21 -21.40 20.25
C PHE A 24 4.81 -22.79 19.76
N LEU A 25 4.41 -22.88 18.49
CA LEU A 25 3.97 -24.13 17.89
C LEU A 25 5.10 -24.84 17.13
N LYS A 26 5.84 -24.12 16.29
CA LYS A 26 6.95 -24.70 15.56
C LYS A 26 7.99 -23.62 15.30
N GLU A 27 9.24 -24.04 15.17
CA GLU A 27 10.34 -23.14 14.87
C GLU A 27 10.54 -23.08 13.35
N LEU A 28 10.37 -21.90 12.78
CA LEU A 28 10.48 -21.74 11.33
C LEU A 28 11.92 -21.78 10.85
N GLY A 29 12.86 -21.37 11.69
CA GLY A 29 14.27 -21.37 11.32
C GLY A 29 15.02 -20.33 12.12
N THR A 30 16.19 -19.95 11.59
CA THR A 30 17.06 -18.97 12.23
C THR A 30 17.29 -17.82 11.26
N GLY A 31 16.68 -16.68 11.52
CA GLY A 31 16.88 -15.47 10.75
C GLY A 31 17.91 -14.56 11.37
N GLN A 32 17.84 -13.29 11.03
CA GLN A 32 18.75 -12.30 11.57
C GLN A 32 18.32 -11.93 12.99
N PHE A 33 19.24 -12.06 13.94
CA PHE A 33 19.12 -11.70 15.35
C PHE A 33 18.62 -12.86 16.20
N GLY A 34 18.32 -14.02 15.64
CA GLY A 34 17.95 -15.16 16.43
C GLY A 34 16.93 -16.02 15.70
N VAL A 35 16.25 -16.84 16.50
CA VAL A 35 15.28 -17.81 15.98
C VAL A 35 13.93 -17.14 15.75
N VAL A 36 13.16 -17.69 14.82
CA VAL A 36 11.82 -17.22 14.51
C VAL A 36 10.85 -18.38 14.73
N LYS A 37 9.81 -18.13 15.51
CA LYS A 37 8.81 -19.14 15.84
C LYS A 37 7.48 -18.80 15.19
N TYR A 38 6.65 -19.83 15.02
CA TYR A 38 5.28 -19.67 14.58
C TYR A 38 4.34 -20.08 15.70
N GLY A 39 3.30 -19.27 15.92
CA GLY A 39 2.37 -19.57 16.97
C GLY A 39 1.14 -18.70 16.89
N LYS A 40 0.37 -18.71 17.97
CA LYS A 40 -0.87 -17.96 18.08
C LYS A 40 -0.72 -16.83 19.10
N TRP A 41 -1.21 -15.65 18.75
CA TRP A 41 -1.26 -14.51 19.67
C TRP A 41 -2.65 -14.45 20.29
N ARG A 42 -2.70 -14.51 21.62
CA ARG A 42 -3.95 -14.51 22.36
C ARG A 42 -4.81 -15.72 22.04
N GLY A 43 -4.21 -16.74 21.42
CA GLY A 43 -4.99 -17.87 20.93
C GLY A 43 -6.00 -17.49 19.87
N GLN A 44 -5.71 -16.44 19.10
CA GLN A 44 -6.66 -15.95 18.10
C GLN A 44 -6.02 -15.52 16.78
N TYR A 45 -4.72 -15.20 16.75
CA TYR A 45 -4.09 -14.67 15.55
C TYR A 45 -2.84 -15.47 15.21
N ASP A 46 -2.66 -15.76 13.93
CA ASP A 46 -1.44 -16.38 13.45
C ASP A 46 -0.34 -15.33 13.36
N VAL A 47 0.79 -15.59 14.01
CA VAL A 47 1.90 -14.63 14.07
C VAL A 47 3.21 -15.38 14.08
N ALA A 48 4.26 -14.67 13.65
CA ALA A 48 5.63 -15.14 13.76
C ALA A 48 6.33 -14.38 14.89
N ILE A 49 7.15 -15.10 15.67
CA ILE A 49 7.77 -14.54 16.86
C ILE A 49 9.28 -14.63 16.69
N LYS A 50 9.94 -13.48 16.61
CA LYS A 50 11.39 -13.41 16.51
C LYS A 50 12.00 -13.30 17.91
N MET A 51 12.94 -14.18 18.21
CA MET A 51 13.64 -14.17 19.50
C MET A 51 15.03 -13.58 19.27
N ILE A 52 15.21 -12.33 19.68
CA ILE A 52 16.48 -11.64 19.53
C ILE A 52 17.55 -12.36 20.32
N ARG A 53 18.50 -13.00 19.63
CA ARG A 53 19.57 -13.70 20.31
C ARG A 53 20.37 -12.75 21.20
N GLU A 54 20.65 -13.20 22.42
CA GLU A 54 21.38 -12.37 23.38
C GLU A 54 22.76 -12.02 22.84
N GLY A 55 23.10 -10.74 22.89
CA GLY A 55 24.40 -10.28 22.44
C GLY A 55 24.53 -10.04 20.95
N SER A 56 23.42 -10.04 20.21
CA SER A 56 23.45 -9.83 18.77
C SER A 56 22.93 -8.48 18.34
N MET A 57 22.53 -7.63 19.28
CA MET A 57 21.90 -6.36 18.94
C MET A 57 22.04 -5.38 20.09
N SER A 58 22.14 -4.10 19.74
CA SER A 58 22.10 -3.01 20.73
C SER A 58 20.64 -2.84 21.15
N GLU A 59 20.26 -3.57 22.20
CA GLU A 59 18.85 -3.67 22.55
C GLU A 59 18.28 -2.32 22.99
N ASP A 60 19.00 -1.58 23.84
CA ASP A 60 18.48 -0.32 24.33
C ASP A 60 18.15 0.64 23.19
N GLU A 61 19.07 0.80 22.25
CA GLU A 61 18.80 1.65 21.10
C GLU A 61 17.65 1.10 20.25
N PHE A 62 17.61 -0.22 20.07
CA PHE A 62 16.56 -0.82 19.25
C PHE A 62 15.18 -0.64 19.90
N ILE A 63 15.09 -0.89 21.21
CA ILE A 63 13.80 -0.78 21.88
C ILE A 63 13.22 0.62 21.75
N GLU A 64 14.06 1.64 21.95
CA GLU A 64 13.58 3.01 21.82
C GLU A 64 13.24 3.36 20.38
N GLU A 65 13.98 2.79 19.41
CA GLU A 65 13.71 3.06 18.00
C GLU A 65 12.53 2.27 17.48
N ALA A 66 12.23 1.11 18.09
CA ALA A 66 11.12 0.29 17.62
C ALA A 66 9.81 1.07 17.58
N LYS A 67 9.63 2.02 18.50
CA LYS A 67 8.42 2.83 18.50
C LYS A 67 8.23 3.53 17.16
N VAL A 68 9.32 4.06 16.58
CA VAL A 68 9.22 4.71 15.27
C VAL A 68 8.94 3.67 14.19
N MET A 69 9.63 2.53 14.22
CA MET A 69 9.42 1.50 13.21
C MET A 69 8.06 0.84 13.37
N MET A 70 7.48 0.85 14.58
CA MET A 70 6.17 0.27 14.78
C MET A 70 5.07 1.07 14.09
N ASN A 71 5.23 2.40 14.02
CA ASN A 71 4.21 3.25 13.44
C ASN A 71 4.21 3.26 11.92
N LEU A 72 5.26 2.74 11.28
CA LEU A 72 5.28 2.64 9.82
C LEU A 72 4.18 1.69 9.36
N SER A 73 3.31 2.18 8.48
CA SER A 73 2.16 1.41 8.02
C SER A 73 2.16 1.38 6.50
N HIS A 74 2.24 0.16 5.95
CA HIS A 74 2.13 -0.03 4.50
C HIS A 74 1.86 -1.50 4.24
N GLU A 75 1.04 -1.77 3.22
CA GLU A 75 0.65 -3.15 2.93
C GLU A 75 1.86 -4.01 2.59
N LYS A 76 2.83 -3.46 1.86
CA LYS A 76 4.00 -4.20 1.43
C LYS A 76 5.11 -4.22 2.47
N LEU A 77 4.82 -3.78 3.70
CA LEU A 77 5.75 -3.90 4.82
C LEU A 77 5.22 -4.95 5.78
N VAL A 78 6.07 -5.88 6.18
CA VAL A 78 5.69 -6.94 7.11
C VAL A 78 5.06 -6.29 8.34
N GLN A 79 3.77 -6.52 8.53
CA GLN A 79 3.06 -5.86 9.63
C GLN A 79 3.61 -6.32 10.97
N LEU A 80 3.94 -5.34 11.82
CA LEU A 80 4.47 -5.60 13.15
C LEU A 80 3.36 -5.43 14.18
N TYR A 81 3.20 -6.44 15.04
CA TYR A 81 2.15 -6.39 16.05
C TYR A 81 2.63 -5.88 17.39
N GLY A 82 3.88 -6.14 17.76
CA GLY A 82 4.40 -5.68 19.03
C GLY A 82 5.68 -6.39 19.37
N VAL A 83 6.20 -6.06 20.55
CA VAL A 83 7.46 -6.63 21.05
C VAL A 83 7.31 -6.93 22.53
N CYS A 84 8.17 -7.81 23.03
CA CYS A 84 8.23 -8.19 24.43
C CYS A 84 9.61 -7.79 24.94
N THR A 85 9.72 -6.57 25.46
CA THR A 85 10.98 -6.04 25.94
C THR A 85 11.13 -6.10 27.46
N LYS A 86 10.06 -6.43 28.19
CA LYS A 86 10.13 -6.59 29.64
C LYS A 86 10.69 -7.96 30.05
N GLN A 87 11.52 -8.58 29.21
CA GLN A 87 12.08 -9.89 29.47
C GLN A 87 13.25 -10.10 28.52
N ARG A 88 13.84 -11.28 28.57
CA ARG A 88 14.92 -11.67 27.69
C ARG A 88 14.79 -13.15 27.40
N PRO A 89 14.97 -13.56 26.13
CA PRO A 89 15.30 -12.72 24.96
C PRO A 89 14.14 -11.83 24.53
N ILE A 90 14.43 -10.78 23.78
CA ILE A 90 13.37 -9.89 23.31
C ILE A 90 12.55 -10.59 22.24
N PHE A 91 11.24 -10.33 22.23
CA PHE A 91 10.33 -10.91 21.25
C PHE A 91 9.81 -9.83 20.31
N ILE A 92 9.62 -10.21 19.06
CA ILE A 92 9.06 -9.33 18.04
C ILE A 92 7.96 -10.11 17.33
N ILE A 93 6.71 -9.67 17.53
CA ILE A 93 5.55 -10.37 16.97
C ILE A 93 5.16 -9.70 15.66
N THR A 94 5.19 -10.46 14.58
CA THR A 94 4.85 -9.97 13.25
C THR A 94 3.86 -10.95 12.62
N GLU A 95 3.38 -10.60 11.43
CA GLU A 95 2.50 -11.50 10.70
C GLU A 95 3.28 -12.68 10.13
N TYR A 96 2.57 -13.77 9.90
CA TYR A 96 3.18 -15.00 9.39
C TYR A 96 3.18 -14.99 7.87
N MET A 97 4.37 -15.03 7.28
CA MET A 97 4.54 -15.11 5.83
C MET A 97 4.75 -16.57 5.47
N ALA A 98 3.71 -17.21 4.95
CA ALA A 98 3.74 -18.66 4.73
C ALA A 98 4.94 -19.07 3.88
N ASN A 99 5.18 -18.36 2.77
CA ASN A 99 6.26 -18.72 1.86
C ASN A 99 7.64 -18.32 2.36
N GLY A 100 7.73 -17.67 3.52
CA GLY A 100 9.02 -17.41 4.13
C GLY A 100 9.88 -16.43 3.33
N CYS A 101 11.19 -16.63 3.42
CA CYS A 101 12.14 -15.71 2.80
C CYS A 101 12.01 -15.71 1.29
N LEU A 102 12.21 -14.54 0.69
CA LEU A 102 12.12 -14.41 -0.76
C LEU A 102 13.28 -15.12 -1.45
N LEU A 103 14.48 -15.04 -0.87
CA LEU A 103 15.64 -15.67 -1.49
C LEU A 103 15.40 -17.16 -1.69
N ASN A 104 15.02 -17.87 -0.63
CA ASN A 104 14.70 -19.28 -0.76
C ASN A 104 13.49 -19.49 -1.66
N TYR A 105 12.55 -18.55 -1.66
CA TYR A 105 11.37 -18.67 -2.51
C TYR A 105 11.76 -18.57 -3.99
N LEU A 106 12.68 -17.67 -4.32
CA LEU A 106 13.13 -17.55 -5.71
C LEU A 106 13.88 -18.80 -6.16
N ARG A 107 14.73 -19.34 -5.27
CA ARG A 107 15.58 -20.51 -5.62
C ARG A 107 14.73 -21.79 -5.71
N GLU A 108 13.42 -21.68 -5.49
CA GLU A 108 12.53 -22.87 -5.65
C GLU A 108 11.64 -22.64 -6.88
N MET A 109 12.02 -23.21 -8.02
CA MET A 109 11.20 -23.09 -9.26
C MET A 109 10.62 -24.46 -9.61
N HIS A 111 7.95 -23.33 -8.80
CA HIS A 111 6.88 -22.30 -8.86
C HIS A 111 6.71 -21.82 -10.31
N ARG A 112 7.62 -22.24 -11.21
CA ARG A 112 7.49 -21.85 -12.61
C ARG A 112 7.16 -20.37 -12.74
N PHE A 113 8.08 -19.55 -12.23
CA PHE A 113 7.88 -18.11 -12.22
C PHE A 113 7.73 -17.57 -13.65
N GLN A 114 6.66 -16.82 -13.87
CA GLN A 114 6.45 -16.12 -15.12
C GLN A 114 7.08 -14.74 -15.05
N THR A 115 7.57 -14.27 -16.20
CA THR A 115 8.21 -12.94 -16.23
C THR A 115 7.30 -11.87 -15.63
N GLN A 116 5.99 -12.00 -15.84
CA GLN A 116 5.06 -11.06 -15.24
C GLN A 116 5.08 -11.15 -13.72
N GLN A 117 5.29 -12.35 -13.18
CA GLN A 117 5.37 -12.50 -11.72
C GLN A 117 6.65 -11.88 -11.17
N LEU A 118 7.75 -12.02 -11.91
CA LEU A 118 9.01 -11.42 -11.47
C LEU A 118 8.87 -9.90 -11.33
N LEU A 119 8.31 -9.26 -12.37
CA LEU A 119 8.06 -7.82 -12.28
C LEU A 119 7.06 -7.50 -11.17
N GLU A 120 6.13 -8.42 -10.91
CA GLU A 120 5.20 -8.22 -9.80
C GLU A 120 5.95 -8.12 -8.47
N MET A 121 6.94 -8.99 -8.26
CA MET A 121 7.71 -8.94 -7.03
C MET A 121 8.48 -7.63 -6.92
N CYS A 122 9.03 -7.14 -8.03
CA CYS A 122 9.73 -5.86 -8.01
C CYS A 122 8.79 -4.73 -7.63
N LYS A 123 7.54 -4.78 -8.09
CA LYS A 123 6.57 -3.75 -7.72
C LYS A 123 6.27 -3.77 -6.23
N ASP A 124 6.08 -4.96 -5.66
CA ASP A 124 5.81 -5.07 -4.23
C ASP A 124 6.91 -4.39 -3.42
N VAL A 125 8.17 -4.74 -3.69
CA VAL A 125 9.28 -4.15 -2.95
C VAL A 125 9.37 -2.66 -3.23
N CYS A 126 9.17 -2.26 -4.48
CA CYS A 126 9.27 -0.85 -4.82
C CYS A 126 8.19 -0.03 -4.13
N GLU A 127 7.00 -0.60 -3.92
CA GLU A 127 5.96 0.11 -3.19
C GLU A 127 6.38 0.39 -1.75
N ALA A 128 6.88 -0.64 -1.06
CA ALA A 128 7.31 -0.45 0.32
C ALA A 128 8.48 0.53 0.42
N MET A 129 9.42 0.46 -0.52
CA MET A 129 10.56 1.37 -0.50
C MET A 129 10.13 2.80 -0.79
N GLU A 130 9.15 2.98 -1.69
CA GLU A 130 8.62 4.32 -1.92
C GLU A 130 7.99 4.89 -0.66
N TYR A 131 7.36 4.04 0.15
CA TYR A 131 6.78 4.51 1.40
C TYR A 131 7.86 4.89 2.40
N LEU A 132 8.86 4.02 2.59
CA LEU A 132 9.98 4.37 3.46
C LEU A 132 10.67 5.64 3.00
N GLU A 133 10.81 5.81 1.69
CA GLU A 133 11.42 7.03 1.15
C GLU A 133 10.59 8.26 1.51
N SER A 134 9.26 8.15 1.39
CA SER A 134 8.40 9.28 1.74
C SER A 134 8.53 9.66 3.20
N LYS A 135 8.85 8.69 4.06
CA LYS A 135 9.05 8.95 5.48
C LYS A 135 10.50 9.23 5.84
N GLN A 136 11.40 9.22 4.85
CA GLN A 136 12.82 9.47 5.09
C GLN A 136 13.40 8.44 6.05
N PHE A 137 12.96 7.19 5.92
CA PHE A 137 13.46 6.08 6.72
C PHE A 137 14.27 5.16 5.83
N LEU A 138 15.55 4.99 6.16
CA LEU A 138 16.45 4.19 5.35
C LEU A 138 16.41 2.73 5.78
N HIS A 139 16.48 1.83 4.80
CA HIS A 139 16.52 0.40 5.09
C HIS A 139 17.93 -0.03 5.45
N ARG A 140 18.90 0.25 4.58
CA ARG A 140 20.32 0.02 4.74
C ARG A 140 20.74 -1.43 4.50
N ASP A 141 19.80 -2.34 4.28
CA ASP A 141 20.15 -3.74 4.06
C ASP A 141 19.13 -4.42 3.16
N LEU A 142 18.63 -3.68 2.17
CA LEU A 142 17.63 -4.22 1.26
C LEU A 142 18.24 -5.34 0.42
N ALA A 143 17.63 -6.52 0.49
CA ALA A 143 18.09 -7.68 -0.27
C ALA A 143 17.02 -8.75 -0.19
N ALA A 144 17.09 -9.71 -1.13
CA ALA A 144 16.12 -10.79 -1.16
C ALA A 144 16.08 -11.54 0.16
N ARG A 145 17.22 -11.68 0.83
CA ARG A 145 17.26 -12.39 2.11
C ARG A 145 16.42 -11.71 3.17
N ASN A 146 16.18 -10.40 3.05
CA ASN A 146 15.42 -9.65 4.02
C ASN A 146 13.95 -9.47 3.63
N CYS A 147 13.54 -10.02 2.49
CA CYS A 147 12.16 -9.93 2.04
C CYS A 147 11.43 -11.24 2.35
N LEU A 148 10.11 -11.15 2.50
CA LEU A 148 9.27 -12.28 2.83
C LEU A 148 8.09 -12.33 1.88
N VAL A 149 7.53 -13.54 1.73
CA VAL A 149 6.40 -13.79 0.85
C VAL A 149 5.30 -14.48 1.65
N ASN A 150 4.06 -14.06 1.42
CA ASN A 150 2.92 -14.64 2.12
C ASN A 150 2.33 -15.79 1.29
N ASP A 151 1.20 -16.33 1.75
CA ASP A 151 0.56 -17.44 1.05
C ASP A 151 0.07 -17.06 -0.34
N GLN A 152 -0.20 -15.78 -0.57
CA GLN A 152 -0.70 -15.32 -1.87
C GLN A 152 0.42 -14.93 -2.83
N GLY A 153 1.68 -15.11 -2.45
CA GLY A 153 2.79 -14.75 -3.31
C GLY A 153 3.18 -13.29 -3.27
N VAL A 154 2.65 -12.52 -2.34
CA VAL A 154 2.99 -11.10 -2.23
C VAL A 154 4.31 -10.96 -1.48
N VAL A 155 5.20 -10.12 -1.99
CA VAL A 155 6.50 -9.87 -1.39
C VAL A 155 6.41 -8.63 -0.52
N LYS A 156 6.97 -8.71 0.69
CA LYS A 156 6.98 -7.59 1.63
C LYS A 156 8.37 -7.41 2.19
N VAL A 157 8.72 -6.16 2.48
CA VAL A 157 10.04 -5.80 2.98
C VAL A 157 10.05 -5.94 4.49
N SER A 158 11.19 -6.35 5.04
CA SER A 158 11.35 -6.53 6.47
C SER A 158 12.78 -6.19 6.86
N ASP A 159 13.02 -6.19 8.17
CA ASP A 159 14.36 -5.90 8.72
C ASP A 159 14.86 -4.53 8.30
N PHE A 160 13.95 -3.59 8.04
CA PHE A 160 14.34 -2.25 7.65
C PHE A 160 14.83 -1.47 8.87
N GLY A 161 15.99 -0.84 8.73
CA GLY A 161 16.54 -0.03 9.81
C GLY A 161 17.07 -0.80 10.98
N LEU A 162 17.44 -2.07 10.79
CA LEU A 162 17.96 -2.90 11.87
C LEU A 162 19.47 -3.07 11.82
N SER A 163 20.08 -2.99 10.64
CA SER A 163 21.54 -3.14 10.54
C SER A 163 22.25 -2.13 11.41
N ARG A 164 21.64 -0.97 11.65
CA ARG A 164 22.26 0.06 12.47
C ARG A 164 22.45 -0.39 13.92
N TYR A 165 21.76 -1.45 14.35
CA TYR A 165 21.84 -1.93 15.72
C TYR A 165 22.49 -3.30 15.82
N VAL A 166 23.13 -3.77 14.76
CA VAL A 166 23.75 -5.09 14.77
C VAL A 166 25.08 -5.01 15.52
N LEU A 167 25.32 -5.99 16.40
CA LEU A 167 26.57 -6.09 17.13
C LEU A 167 27.46 -7.11 16.44
N ASP A 168 28.60 -6.65 15.94
CA ASP A 168 29.52 -7.51 15.20
C ASP A 168 30.36 -8.32 16.18
N ASP A 169 30.05 -9.60 16.31
CA ASP A 169 30.78 -10.49 17.21
C ASP A 169 31.26 -11.74 16.48
N SER A 177 36.12 -7.10 3.58
CA SER A 177 34.74 -6.69 3.32
C SER A 177 33.77 -7.80 3.69
N LYS A 178 32.58 -7.42 4.14
CA LYS A 178 31.55 -8.37 4.51
C LYS A 178 30.69 -8.73 3.30
N PHE A 179 29.69 -9.58 3.54
CA PHE A 179 28.83 -10.07 2.47
C PHE A 179 27.94 -8.97 1.90
N PRO A 180 27.32 -8.13 2.75
CA PRO A 180 26.44 -7.08 2.21
C PRO A 180 27.13 -6.11 1.25
N VAL A 181 28.44 -6.20 1.08
CA VAL A 181 29.13 -5.29 0.16
C VAL A 181 28.58 -5.46 -1.26
N ARG A 182 28.12 -6.66 -1.60
CA ARG A 182 27.63 -6.91 -2.95
C ARG A 182 26.38 -6.10 -3.28
N TRP A 183 25.73 -5.53 -2.26
CA TRP A 183 24.55 -4.70 -2.45
C TRP A 183 24.83 -3.22 -2.21
N SER A 184 26.08 -2.84 -1.95
CA SER A 184 26.40 -1.47 -1.55
C SER A 184 26.89 -0.66 -2.73
N PRO A 185 26.57 0.64 -2.76
CA PRO A 185 27.10 1.51 -3.82
C PRO A 185 28.52 1.96 -3.49
N PRO A 186 29.19 2.63 -4.42
CA PRO A 186 30.58 3.04 -4.16
C PRO A 186 30.73 3.95 -2.95
N GLU A 187 29.81 4.89 -2.75
CA GLU A 187 29.96 5.83 -1.64
C GLU A 187 29.82 5.13 -0.29
N VAL A 188 29.11 4.01 -0.24
CA VAL A 188 29.00 3.26 1.00
C VAL A 188 30.28 2.48 1.28
N LEU A 189 30.85 1.85 0.25
CA LEU A 189 32.09 1.09 0.43
C LEU A 189 33.25 2.00 0.81
N MET A 190 33.22 3.25 0.37
CA MET A 190 34.35 4.16 0.59
C MET A 190 34.19 5.02 1.84
N TYR A 191 33.00 5.56 2.07
CA TYR A 191 32.77 6.45 3.21
C TYR A 191 31.60 6.03 4.10
N SER A 192 30.95 4.90 3.82
CA SER A 192 29.78 4.49 4.59
C SER A 192 28.73 5.59 4.60
N LYS A 193 28.53 6.21 3.44
CA LYS A 193 27.57 7.32 3.31
CA LYS A 193 27.58 7.33 3.30
C LYS A 193 26.22 6.75 2.92
N PHE A 194 25.52 6.22 3.92
CA PHE A 194 24.19 5.68 3.70
C PHE A 194 23.19 6.81 3.48
N SER A 195 22.27 6.60 2.54
CA SER A 195 21.26 7.60 2.22
C SER A 195 20.15 6.92 1.43
N SER A 196 19.14 7.72 1.05
CA SER A 196 18.06 7.19 0.23
C SER A 196 18.58 6.65 -1.10
N LYS A 197 19.66 7.24 -1.63
CA LYS A 197 20.22 6.76 -2.88
C LYS A 197 20.93 5.43 -2.70
N SER A 198 21.43 5.14 -1.49
CA SER A 198 22.03 3.84 -1.25
C SER A 198 20.98 2.73 -1.24
N ASP A 199 19.78 3.03 -0.74
CA ASP A 199 18.68 2.09 -0.87
C ASP A 199 18.28 1.89 -2.33
N ILE A 200 18.36 2.95 -3.14
CA ILE A 200 18.09 2.82 -4.57
C ILE A 200 19.04 1.82 -5.21
N TRP A 201 20.34 1.95 -4.90
CA TRP A 201 21.33 1.02 -5.44
C TRP A 201 21.02 -0.41 -5.02
N ALA A 202 20.73 -0.62 -3.73
CA ALA A 202 20.43 -1.95 -3.25
C ALA A 202 19.18 -2.51 -3.92
N PHE A 203 18.16 -1.68 -4.11
CA PHE A 203 16.95 -2.12 -4.79
C PHE A 203 17.27 -2.61 -6.20
N GLY A 204 18.15 -1.89 -6.91
CA GLY A 204 18.57 -2.36 -8.22
C GLY A 204 19.19 -3.74 -8.19
N VAL A 205 20.02 -4.00 -7.18
CA VAL A 205 20.58 -5.34 -7.02
C VAL A 205 19.50 -6.33 -6.64
N LEU A 206 18.50 -5.90 -5.85
CA LEU A 206 17.40 -6.78 -5.50
C LEU A 206 16.62 -7.21 -6.73
N MET A 207 16.36 -6.26 -7.65
CA MET A 207 15.74 -6.62 -8.92
C MET A 207 16.58 -7.65 -9.67
N TRP A 208 17.91 -7.51 -9.58
CA TRP A 208 18.78 -8.47 -10.25
C TRP A 208 18.63 -9.86 -9.65
N GLU A 209 18.49 -9.96 -8.32
CA GLU A 209 18.29 -11.25 -7.69
C GLU A 209 16.99 -11.89 -8.14
N ILE A 210 15.91 -11.10 -8.20
CA ILE A 210 14.61 -11.63 -8.57
C ILE A 210 14.66 -12.22 -9.98
N TYR A 211 15.14 -11.43 -10.94
CA TYR A 211 15.22 -11.92 -12.31
C TYR A 211 16.33 -12.96 -12.50
N SER A 212 17.27 -13.04 -11.56
CA SER A 212 18.29 -14.08 -11.57
C SER A 212 17.87 -15.32 -10.79
N LEU A 213 16.64 -15.36 -10.29
CA LEU A 213 16.13 -16.52 -9.56
C LEU A 213 16.98 -16.85 -8.35
N GLY A 214 17.36 -15.82 -7.61
CA GLY A 214 18.14 -16.01 -6.39
C GLY A 214 19.63 -16.16 -6.60
N LYS A 215 20.15 -15.87 -7.79
CA LYS A 215 21.58 -15.97 -8.03
C LYS A 215 22.33 -14.95 -7.19
N MET A 216 23.51 -15.35 -6.71
CA MET A 216 24.32 -14.46 -5.88
C MET A 216 25.01 -13.42 -6.76
N PRO A 217 24.93 -12.14 -6.41
CA PRO A 217 25.65 -11.12 -7.19
C PRO A 217 27.16 -11.30 -7.07
N TYR A 218 27.85 -11.25 -8.20
CA TYR A 218 29.30 -11.40 -8.24
C TYR A 218 29.74 -12.71 -7.59
N GLU A 219 29.01 -13.79 -7.88
CA GLU A 219 29.29 -15.07 -7.25
C GLU A 219 30.73 -15.53 -7.49
N ARG A 220 31.38 -15.04 -8.55
CA ARG A 220 32.73 -15.45 -8.88
C ARG A 220 33.80 -14.77 -8.05
N PHE A 221 33.46 -13.70 -7.33
CA PHE A 221 34.43 -12.92 -6.57
C PHE A 221 34.11 -13.00 -5.08
N THR A 222 35.14 -12.82 -4.26
CA THR A 222 34.97 -12.72 -2.83
C THR A 222 34.40 -11.35 -2.47
N ASN A 223 34.21 -11.11 -1.17
CA ASN A 223 33.66 -9.83 -0.73
C ASN A 223 34.61 -8.69 -1.08
N SER A 224 35.90 -8.86 -0.80
CA SER A 224 36.86 -7.80 -1.09
C SER A 224 36.97 -7.55 -2.59
N GLU A 225 36.95 -8.61 -3.39
CA GLU A 225 37.05 -8.44 -4.84
C GLU A 225 35.82 -7.75 -5.41
N THR A 226 34.63 -8.09 -4.90
CA THR A 226 33.42 -7.42 -5.35
C THR A 226 33.48 -5.92 -5.07
N ALA A 227 33.98 -5.55 -3.89
CA ALA A 227 34.09 -4.12 -3.56
C ALA A 227 35.03 -3.41 -4.51
N GLU A 228 36.14 -4.06 -4.89
CA GLU A 228 37.08 -3.45 -5.82
C GLU A 228 36.43 -3.23 -7.19
N HIS A 229 35.73 -4.25 -7.70
CA HIS A 229 35.05 -4.11 -8.98
C HIS A 229 33.93 -3.09 -8.92
N ILE A 230 33.24 -3.00 -7.78
CA ILE A 230 32.19 -1.98 -7.63
C ILE A 230 32.80 -0.59 -7.69
N ALA A 231 33.94 -0.39 -7.02
CA ALA A 231 34.61 0.90 -7.06
C ALA A 231 35.16 1.23 -8.45
N GLN A 232 35.34 0.22 -9.29
CA GLN A 232 35.83 0.43 -10.65
C GLN A 232 34.71 0.67 -11.66
N GLY A 233 33.47 0.38 -11.30
CA GLY A 233 32.34 0.62 -12.17
C GLY A 233 31.72 -0.62 -12.79
N LEU A 234 32.12 -1.81 -12.37
CA LEU A 234 31.59 -3.05 -12.94
C LEU A 234 30.14 -3.23 -12.49
N ARG A 235 29.20 -3.02 -13.40
CA ARG A 235 27.79 -3.22 -13.11
C ARG A 235 27.41 -4.68 -13.27
N LEU A 236 26.33 -5.07 -12.60
CA LEU A 236 25.82 -6.42 -12.72
C LEU A 236 25.26 -6.64 -14.14
N PRO A 237 25.47 -7.81 -14.72
CA PRO A 237 24.99 -8.05 -16.08
C PRO A 237 23.47 -8.16 -16.13
N ARG A 238 22.95 -8.20 -17.35
CA ARG A 238 21.52 -8.29 -17.57
C ARG A 238 21.07 -9.74 -17.45
N PRO A 239 20.22 -10.08 -16.48
CA PRO A 239 19.75 -11.46 -16.35
C PRO A 239 19.04 -11.92 -17.62
N HIS A 240 18.95 -13.24 -17.77
CA HIS A 240 18.33 -13.82 -18.96
C HIS A 240 16.84 -13.53 -19.00
N LEU A 241 16.15 -13.70 -17.87
CA LEU A 241 14.70 -13.51 -17.82
C LEU A 241 14.29 -12.05 -17.81
N ALA A 242 15.24 -11.11 -17.84
CA ALA A 242 14.94 -9.69 -17.80
C ALA A 242 15.11 -9.08 -19.19
N SER A 243 14.08 -8.41 -19.67
CA SER A 243 14.16 -7.73 -20.95
C SER A 243 14.93 -6.42 -20.81
N GLU A 244 15.35 -5.88 -21.96
CA GLU A 244 16.07 -4.61 -21.94
C GLU A 244 15.25 -3.50 -21.29
N ARG A 245 13.92 -3.55 -21.45
CA ARG A 245 13.07 -2.57 -20.78
C ARG A 245 13.20 -2.67 -19.27
N VAL A 246 13.18 -3.90 -18.74
CA VAL A 246 13.31 -4.08 -17.29
C VAL A 246 14.73 -3.80 -16.84
N TYR A 247 15.72 -4.26 -17.62
CA TYR A 247 17.11 -4.06 -17.23
C TYR A 247 17.46 -2.57 -17.18
N THR A 248 16.83 -1.76 -18.04
CA THR A 248 17.08 -0.33 -17.99
C THR A 248 16.61 0.28 -16.67
N ILE A 249 15.56 -0.29 -16.07
CA ILE A 249 15.06 0.22 -14.80
C ILE A 249 16.04 -0.08 -13.68
N MET A 250 16.43 -1.34 -13.54
CA MET A 250 17.39 -1.70 -12.50
C MET A 250 18.75 -1.06 -12.75
N TYR A 251 19.12 -0.86 -14.02
CA TYR A 251 20.41 -0.25 -14.34
C TYR A 251 20.43 1.22 -13.94
N SER A 252 19.28 1.90 -13.98
CA SER A 252 19.22 3.30 -13.56
C SER A 252 19.53 3.47 -12.09
N CYS A 253 19.32 2.42 -11.28
CA CYS A 253 19.66 2.49 -9.86
C CYS A 253 21.15 2.49 -9.61
N TRP A 254 21.97 2.28 -10.64
CA TRP A 254 23.41 2.10 -10.47
C TRP A 254 24.21 3.26 -11.05
N HIS A 255 23.61 4.46 -11.09
CA HIS A 255 24.38 5.64 -11.46
C HIS A 255 25.47 5.89 -10.43
N GLU A 256 26.67 6.23 -10.93
CA GLU A 256 27.80 6.44 -10.03
C GLU A 256 27.53 7.61 -9.08
N LYS A 257 27.01 8.71 -9.61
CA LYS A 257 26.66 9.85 -8.78
C LYS A 257 25.33 9.58 -8.08
N ALA A 258 25.34 9.64 -6.75
CA ALA A 258 24.14 9.32 -5.99
C ALA A 258 22.98 10.24 -6.35
N ASP A 259 23.27 11.52 -6.59
CA ASP A 259 22.21 12.48 -6.90
C ASP A 259 21.57 12.22 -8.27
N GLU A 260 22.23 11.44 -9.13
CA GLU A 260 21.68 11.13 -10.44
C GLU A 260 20.82 9.87 -10.44
N ARG A 261 20.74 9.15 -9.33
CA ARG A 261 19.92 7.96 -9.27
C ARG A 261 18.47 8.33 -9.03
N PRO A 262 17.53 7.69 -9.72
CA PRO A 262 16.11 8.04 -9.56
C PRO A 262 15.58 7.60 -8.21
N SER A 263 14.61 8.36 -7.70
CA SER A 263 13.96 8.01 -6.46
C SER A 263 13.04 6.80 -6.67
N PHE A 264 12.50 6.30 -5.55
CA PHE A 264 11.56 5.18 -5.64
C PHE A 264 10.24 5.58 -6.27
N LYS A 265 9.90 6.88 -6.26
CA LYS A 265 8.74 7.34 -7.00
C LYS A 265 8.93 7.14 -8.50
N ILE A 266 10.11 7.51 -9.01
CA ILE A 266 10.41 7.31 -10.43
C ILE A 266 10.51 5.83 -10.75
N LEU A 267 11.17 5.05 -9.87
CA LEU A 267 11.28 3.62 -10.09
C LEU A 267 9.90 2.96 -10.13
N LEU A 268 9.07 3.24 -9.13
CA LEU A 268 7.73 2.68 -9.11
C LEU A 268 6.94 3.13 -10.34
N SER A 269 7.09 4.39 -10.73
CA SER A 269 6.39 4.88 -11.92
C SER A 269 6.82 4.12 -13.17
N ASN A 270 8.12 3.84 -13.30
CA ASN A 270 8.60 3.10 -14.47
C ASN A 270 8.12 1.65 -14.44
N ILE A 271 8.10 1.04 -13.26
CA ILE A 271 7.62 -0.34 -13.15
C ILE A 271 6.13 -0.41 -13.49
N LEU A 272 5.36 0.60 -13.09
CA LEU A 272 3.94 0.62 -13.41
C LEU A 272 3.72 0.75 -14.92
N ASP A 273 4.57 1.52 -15.60
CA ASP A 273 4.41 1.69 -17.04
C ASP A 273 4.66 0.38 -17.78
N VAL A 274 5.65 -0.39 -17.34
CA VAL A 274 5.94 -1.67 -17.99
C VAL A 274 4.81 -2.66 -17.74
N MET A 275 4.29 -2.71 -16.50
CA MET A 275 3.20 -3.61 -16.19
C MET A 275 1.95 -3.28 -16.99
N ASP A 276 1.67 -1.98 -17.15
CA ASP A 276 0.48 -1.59 -17.90
C ASP A 276 0.56 -2.00 -19.36
N GLU A 277 1.77 -2.00 -19.93
CA GLU A 277 1.92 -2.41 -21.33
C GLU A 277 1.74 -3.91 -21.49
N GLU A 278 2.17 -4.70 -20.50
CA GLU A 278 2.01 -6.15 -20.53
C GLU A 278 0.59 -6.60 -20.22
N SER A 279 -0.34 -5.67 -20.07
CA SER A 279 -1.73 -6.01 -19.76
C SER A 279 -2.54 -6.22 -21.04
N SER B 14 -13.63 -16.74 11.21
CA SER B 14 -14.70 -16.20 10.37
C SER B 14 -14.75 -14.67 10.49
N TRP B 15 -15.65 -14.07 9.70
CA TRP B 15 -15.84 -12.62 9.72
C TRP B 15 -16.99 -12.20 10.60
N GLU B 16 -17.53 -13.10 11.43
CA GLU B 16 -18.64 -12.80 12.32
C GLU B 16 -18.08 -12.29 13.64
N ILE B 17 -18.27 -11.01 13.90
CA ILE B 17 -17.79 -10.39 15.13
C ILE B 17 -18.83 -10.57 16.22
N ASP B 18 -18.37 -10.75 17.45
CA ASP B 18 -19.27 -10.90 18.59
C ASP B 18 -19.79 -9.52 19.00
N PRO B 19 -21.10 -9.28 18.92
CA PRO B 19 -21.62 -7.95 19.30
C PRO B 19 -21.35 -7.60 20.75
N LYS B 20 -21.23 -8.58 21.63
CA LYS B 20 -20.95 -8.31 23.04
C LYS B 20 -19.54 -7.77 23.24
N ASP B 21 -18.64 -7.98 22.29
CA ASP B 21 -17.29 -7.43 22.35
C ASP B 21 -17.22 -5.99 21.84
N LEU B 22 -18.36 -5.36 21.59
CA LEU B 22 -18.41 -3.98 21.11
C LEU B 22 -19.03 -3.09 22.18
N THR B 23 -18.53 -1.86 22.27
CA THR B 23 -18.99 -0.90 23.26
C THR B 23 -19.28 0.42 22.55
N PHE B 24 -20.56 0.74 22.40
CA PHE B 24 -20.94 2.01 21.77
C PHE B 24 -20.55 3.18 22.67
N LEU B 25 -19.92 4.18 22.08
CA LEU B 25 -19.44 5.34 22.82
C LEU B 25 -20.03 6.66 22.35
N LYS B 26 -20.30 6.82 21.06
CA LYS B 26 -20.87 8.06 20.56
C LYS B 26 -21.27 7.87 19.10
N GLU B 27 -22.30 8.59 18.69
CA GLU B 27 -22.81 8.51 17.33
C GLU B 27 -22.02 9.47 16.44
N LEU B 28 -21.48 8.94 15.34
CA LEU B 28 -20.72 9.74 14.40
C LEU B 28 -21.58 10.32 13.27
N GLY B 29 -22.82 9.88 13.14
CA GLY B 29 -23.71 10.36 12.10
C GLY B 29 -24.33 9.21 11.33
N THR B 30 -25.25 9.59 10.44
CA THR B 30 -25.98 8.63 9.61
C THR B 30 -25.33 8.63 8.22
N GLY B 31 -24.60 7.57 7.92
CA GLY B 31 -23.95 7.40 6.64
C GLY B 31 -24.81 6.66 5.64
N GLN B 32 -24.15 5.95 4.73
CA GLN B 32 -24.86 5.18 3.71
C GLN B 32 -25.27 3.82 4.28
N PHE B 33 -26.55 3.50 4.18
CA PHE B 33 -27.15 2.23 4.61
C PHE B 33 -27.42 2.19 6.11
N GLY B 34 -27.28 3.28 6.82
CA GLY B 34 -27.62 3.30 8.24
C GLY B 34 -26.71 4.23 9.01
N VAL B 35 -26.92 4.24 10.32
CA VAL B 35 -26.17 5.10 11.23
C VAL B 35 -24.84 4.44 11.56
N VAL B 36 -23.86 5.27 11.92
CA VAL B 36 -22.53 4.81 12.29
C VAL B 36 -22.20 5.37 13.68
N LYS B 37 -21.64 4.52 14.54
CA LYS B 37 -21.28 4.91 15.89
C LYS B 37 -19.85 4.51 16.18
N TYR B 38 -19.17 5.32 17.00
CA TYR B 38 -17.81 5.04 17.42
C TYR B 38 -17.83 4.19 18.68
N GLY B 39 -17.04 3.13 18.69
CA GLY B 39 -16.97 2.24 19.83
C GLY B 39 -15.61 1.60 20.02
N LYS B 40 -15.55 0.54 20.80
CA LYS B 40 -14.31 -0.18 21.08
C LYS B 40 -14.54 -1.67 20.89
N TRP B 41 -13.62 -2.31 20.17
CA TRP B 41 -13.67 -3.75 19.94
C TRP B 41 -12.66 -4.43 20.84
N ARG B 42 -13.12 -5.42 21.60
CA ARG B 42 -12.29 -6.15 22.55
C ARG B 42 -11.74 -5.25 23.65
N GLY B 43 -12.28 -4.05 23.81
CA GLY B 43 -11.81 -3.10 24.79
C GLY B 43 -10.50 -2.42 24.46
N GLN B 44 -9.90 -2.72 23.31
CA GLN B 44 -8.62 -2.14 22.96
C GLN B 44 -8.62 -1.45 21.59
N TYR B 45 -9.26 -2.05 20.59
CA TYR B 45 -9.24 -1.51 19.24
C TYR B 45 -10.38 -0.52 19.05
N ASP B 46 -10.06 0.64 18.47
CA ASP B 46 -11.09 1.60 18.08
C ASP B 46 -11.72 1.16 16.76
N VAL B 47 -13.05 1.17 16.70
CA VAL B 47 -13.77 0.68 15.55
C VAL B 47 -14.97 1.58 15.26
N ALA B 48 -15.35 1.65 14.00
CA ALA B 48 -16.56 2.33 13.58
C ALA B 48 -17.63 1.29 13.28
N ILE B 49 -18.78 1.42 13.92
CA ILE B 49 -19.85 0.41 13.86
C ILE B 49 -20.99 0.98 13.02
N LYS B 50 -21.13 0.44 11.81
CA LYS B 50 -22.23 0.81 10.93
C LYS B 50 -23.41 -0.12 11.17
N MET B 51 -24.61 0.46 11.27
CA MET B 51 -25.83 -0.28 11.52
C MET B 51 -26.71 -0.19 10.27
N ILE B 52 -26.83 -1.31 9.54
CA ILE B 52 -27.59 -1.33 8.30
C ILE B 52 -29.07 -1.12 8.62
N ARG B 53 -29.64 -0.06 8.06
CA ARG B 53 -31.05 0.22 8.26
C ARG B 53 -31.91 -0.83 7.55
N GLU B 54 -33.00 -1.23 8.21
CA GLU B 54 -33.89 -2.23 7.62
C GLU B 54 -34.44 -1.73 6.29
N GLY B 55 -34.48 -2.61 5.31
CA GLY B 55 -35.00 -2.26 4.00
C GLY B 55 -34.16 -1.29 3.21
N SER B 56 -32.86 -1.20 3.51
CA SER B 56 -31.97 -0.30 2.80
C SER B 56 -31.11 -0.99 1.76
N MET B 57 -31.07 -2.32 1.74
CA MET B 57 -30.26 -3.06 0.79
C MET B 57 -30.67 -4.52 0.85
N SER B 58 -30.17 -5.29 -0.12
CA SER B 58 -30.41 -6.73 -0.19
C SER B 58 -29.47 -7.41 0.82
N GLU B 59 -30.02 -7.81 1.96
CA GLU B 59 -29.18 -8.38 3.02
C GLU B 59 -28.56 -9.70 2.59
N ASP B 60 -29.36 -10.61 2.05
CA ASP B 60 -28.86 -11.94 1.68
C ASP B 60 -27.74 -11.84 0.66
N GLU B 61 -28.01 -11.20 -0.48
CA GLU B 61 -26.99 -11.07 -1.52
C GLU B 61 -25.76 -10.34 -1.00
N PHE B 62 -25.94 -9.38 -0.09
CA PHE B 62 -24.81 -8.65 0.45
C PHE B 62 -23.93 -9.55 1.32
N ILE B 63 -24.56 -10.43 2.11
CA ILE B 63 -23.79 -11.29 3.01
C ILE B 63 -22.90 -12.24 2.21
N GLU B 64 -23.45 -12.82 1.13
CA GLU B 64 -22.67 -13.77 0.34
C GLU B 64 -21.47 -13.09 -0.31
N GLU B 65 -21.70 -11.97 -0.99
CA GLU B 65 -20.62 -11.27 -1.68
C GLU B 65 -19.73 -10.49 -0.71
N ALA B 66 -20.22 -10.18 0.49
CA ALA B 66 -19.41 -9.43 1.45
C ALA B 66 -18.11 -10.15 1.77
N LYS B 67 -18.11 -11.49 1.72
CA LYS B 67 -16.89 -12.24 2.01
C LYS B 67 -15.77 -11.87 1.04
N VAL B 68 -16.13 -11.62 -0.23
CA VAL B 68 -15.12 -11.24 -1.21
C VAL B 68 -14.60 -9.83 -0.93
N MET B 69 -15.48 -8.92 -0.51
CA MET B 69 -15.06 -7.55 -0.24
C MET B 69 -14.20 -7.47 1.02
N MET B 70 -14.55 -8.25 2.05
CA MET B 70 -13.75 -8.23 3.28
C MET B 70 -12.38 -8.86 3.08
N ASN B 71 -12.26 -9.78 2.11
CA ASN B 71 -10.96 -10.36 1.81
C ASN B 71 -10.02 -9.35 1.15
N LEU B 72 -10.56 -8.30 0.53
CA LEU B 72 -9.73 -7.25 -0.03
C LEU B 72 -8.93 -6.57 1.07
N SER B 73 -7.60 -6.58 0.94
CA SER B 73 -6.71 -6.03 1.94
C SER B 73 -5.77 -5.02 1.29
N HIS B 74 -5.77 -3.80 1.80
CA HIS B 74 -4.85 -2.77 1.35
C HIS B 74 -4.87 -1.63 2.36
N GLU B 75 -3.71 -1.00 2.55
CA GLU B 75 -3.60 0.04 3.57
C GLU B 75 -4.53 1.22 3.27
N LYS B 76 -4.68 1.56 1.99
CA LYS B 76 -5.52 2.69 1.60
C LYS B 76 -7.00 2.33 1.48
N LEU B 77 -7.39 1.14 1.90
CA LEU B 77 -8.79 0.72 1.94
C LEU B 77 -9.23 0.62 3.39
N VAL B 78 -10.38 1.20 3.70
CA VAL B 78 -10.92 1.16 5.06
C VAL B 78 -11.00 -0.29 5.51
N GLN B 79 -10.15 -0.66 6.46
CA GLN B 79 -10.08 -2.05 6.90
C GLN B 79 -11.42 -2.51 7.46
N LEU B 80 -11.81 -3.72 7.07
CA LEU B 80 -13.08 -4.33 7.50
C LEU B 80 -12.77 -5.39 8.53
N TYR B 81 -13.13 -5.12 9.79
CA TYR B 81 -12.84 -6.06 10.86
C TYR B 81 -13.81 -7.24 10.88
N GLY B 82 -15.06 -7.02 10.51
CA GLY B 82 -16.03 -8.10 10.49
C GLY B 82 -17.44 -7.54 10.43
N VAL B 83 -18.40 -8.43 10.64
CA VAL B 83 -19.81 -8.10 10.60
C VAL B 83 -20.54 -8.87 11.69
N CYS B 84 -21.76 -8.41 11.99
CA CYS B 84 -22.63 -9.05 12.98
C CYS B 84 -23.99 -9.33 12.31
N THR B 85 -24.01 -10.34 11.45
CA THR B 85 -25.21 -10.69 10.69
C THR B 85 -26.09 -11.70 11.41
N LYS B 86 -25.68 -12.18 12.57
CA LYS B 86 -26.48 -13.14 13.34
C LYS B 86 -27.71 -12.52 13.97
N GLN B 87 -28.01 -11.25 13.66
CA GLN B 87 -29.18 -10.57 14.21
C GLN B 87 -29.48 -9.37 13.32
N ARG B 88 -30.36 -8.49 13.80
CA ARG B 88 -30.73 -7.29 13.07
C ARG B 88 -31.01 -6.18 14.08
N PRO B 89 -30.64 -4.93 13.77
CA PRO B 89 -30.00 -4.47 12.53
C PRO B 89 -28.60 -5.02 12.34
N ILE B 90 -28.14 -5.14 11.09
CA ILE B 90 -26.81 -5.68 10.82
C ILE B 90 -25.75 -4.67 11.27
N PHE B 91 -24.59 -5.19 11.65
CA PHE B 91 -23.47 -4.37 12.08
C PHE B 91 -22.27 -4.61 11.17
N ILE B 92 -21.58 -3.54 10.80
CA ILE B 92 -20.37 -3.59 9.99
C ILE B 92 -19.28 -2.85 10.75
N ILE B 93 -18.26 -3.58 11.18
CA ILE B 93 -17.18 -3.02 11.98
C ILE B 93 -16.01 -2.71 11.05
N THR B 94 -15.62 -1.44 11.03
CA THR B 94 -14.50 -0.97 10.21
C THR B 94 -13.53 -0.19 11.08
N GLU B 95 -12.36 0.09 10.53
CA GLU B 95 -11.37 0.89 11.25
C GLU B 95 -11.85 2.32 11.39
N TYR B 96 -11.68 2.87 12.59
CA TYR B 96 -12.16 4.22 12.86
C TYR B 96 -11.28 5.25 12.16
N MET B 97 -11.88 6.07 11.31
CA MET B 97 -11.20 7.16 10.63
C MET B 97 -11.47 8.43 11.41
N ALA B 98 -10.44 8.93 12.10
CA ALA B 98 -10.64 10.06 13.02
C ALA B 98 -11.25 11.26 12.32
N ASN B 99 -10.64 11.70 11.21
CA ASN B 99 -11.13 12.89 10.52
C ASN B 99 -12.42 12.65 9.74
N GLY B 100 -12.84 11.39 9.59
CA GLY B 100 -14.13 11.11 8.98
C GLY B 100 -14.13 11.30 7.47
N CYS B 101 -15.28 11.74 6.96
CA CYS B 101 -15.47 11.86 5.52
C CYS B 101 -14.49 12.85 4.92
N LEU B 102 -14.07 12.55 3.68
CA LEU B 102 -13.13 13.43 2.98
C LEU B 102 -13.82 14.70 2.50
N LEU B 103 -15.05 14.60 2.04
CA LEU B 103 -15.77 15.76 1.53
C LEU B 103 -15.84 16.85 2.60
N ASN B 104 -16.31 16.50 3.80
CA ASN B 104 -16.33 17.47 4.89
C ASN B 104 -14.93 17.87 5.31
N TYR B 105 -13.96 16.94 5.24
CA TYR B 105 -12.59 17.27 5.58
C TYR B 105 -12.01 18.30 4.61
N LEU B 106 -12.41 18.22 3.34
CA LEU B 106 -11.94 19.20 2.36
C LEU B 106 -12.56 20.57 2.60
N ARG B 107 -13.89 20.61 2.74
CA ARG B 107 -14.58 21.88 2.94
C ARG B 107 -14.13 22.59 4.21
N GLU B 108 -13.53 21.88 5.15
CA GLU B 108 -12.98 22.48 6.37
C GLU B 108 -11.48 22.72 6.19
N MET B 109 -11.15 23.48 5.15
CA MET B 109 -9.76 23.79 4.83
C MET B 109 -9.07 24.48 6.00
N ARG B 112 -5.78 24.24 6.63
CA ARG B 112 -4.83 24.86 5.72
C ARG B 112 -4.17 23.81 4.82
N PHE B 113 -4.84 23.47 3.73
CA PHE B 113 -4.33 22.47 2.79
C PHE B 113 -3.31 23.11 1.86
N GLN B 114 -2.19 22.41 1.67
CA GLN B 114 -1.17 22.83 0.72
C GLN B 114 -1.29 22.02 -0.57
N THR B 115 -0.88 22.62 -1.68
CA THR B 115 -0.98 21.96 -2.97
C THR B 115 -0.33 20.59 -2.95
N GLN B 116 0.77 20.44 -2.20
CA GLN B 116 1.42 19.14 -2.07
C GLN B 116 0.54 18.16 -1.32
N GLN B 117 -0.25 18.64 -0.34
CA GLN B 117 -1.14 17.75 0.38
C GLN B 117 -2.29 17.25 -0.49
N LEU B 118 -2.86 18.13 -1.31
CA LEU B 118 -3.94 17.73 -2.20
C LEU B 118 -3.49 16.61 -3.13
N LEU B 119 -2.33 16.79 -3.77
CA LEU B 119 -1.79 15.72 -4.63
C LEU B 119 -1.50 14.47 -3.82
N GLU B 120 -1.16 14.62 -2.54
CA GLU B 120 -0.95 13.44 -1.69
C GLU B 120 -2.24 12.68 -1.48
N MET B 121 -3.36 13.40 -1.34
CA MET B 121 -4.65 12.74 -1.18
C MET B 121 -5.03 11.97 -2.44
N CYS B 122 -4.70 12.52 -3.61
CA CYS B 122 -4.99 11.82 -4.86
C CYS B 122 -4.16 10.55 -4.99
N LYS B 123 -2.95 10.54 -4.43
CA LYS B 123 -2.13 9.33 -4.49
C LYS B 123 -2.71 8.23 -3.62
N ASP B 124 -3.20 8.58 -2.42
CA ASP B 124 -3.82 7.59 -1.55
C ASP B 124 -5.01 6.93 -2.24
N VAL B 125 -5.91 7.73 -2.80
CA VAL B 125 -7.08 7.18 -3.47
C VAL B 125 -6.67 6.37 -4.70
N CYS B 126 -5.67 6.87 -5.44
CA CYS B 126 -5.24 6.18 -6.65
C CYS B 126 -4.61 4.83 -6.32
N GLU B 127 -3.84 4.75 -5.23
CA GLU B 127 -3.26 3.48 -4.83
C GLU B 127 -4.34 2.47 -4.46
N ALA B 128 -5.35 2.90 -3.71
CA ALA B 128 -6.44 2.00 -3.35
C ALA B 128 -7.19 1.53 -4.59
N MET B 129 -7.38 2.42 -5.56
CA MET B 129 -8.07 2.03 -6.80
C MET B 129 -7.20 1.15 -7.67
N GLU B 130 -5.88 1.37 -7.66
CA GLU B 130 -4.98 0.49 -8.40
C GLU B 130 -5.04 -0.92 -7.86
N TYR B 131 -5.18 -1.08 -6.54
CA TYR B 131 -5.33 -2.40 -5.95
C TYR B 131 -6.64 -3.04 -6.38
N LEU B 132 -7.76 -2.31 -6.22
CA LEU B 132 -9.04 -2.83 -6.67
C LEU B 132 -9.01 -3.17 -8.17
N GLU B 133 -8.32 -2.35 -8.95
CA GLU B 133 -8.18 -2.63 -10.38
C GLU B 133 -7.44 -3.93 -10.61
N SER B 134 -6.32 -4.13 -9.91
CA SER B 134 -5.57 -5.38 -10.04
C SER B 134 -6.41 -6.58 -9.63
N LYS B 135 -7.28 -6.41 -8.63
CA LYS B 135 -8.17 -7.48 -8.21
C LYS B 135 -9.41 -7.61 -9.09
N GLN B 136 -9.56 -6.74 -10.09
CA GLN B 136 -10.70 -6.78 -10.99
C GLN B 136 -12.01 -6.58 -10.24
N PHE B 137 -12.00 -5.69 -9.24
CA PHE B 137 -13.17 -5.35 -8.46
C PHE B 137 -13.52 -3.89 -8.71
N LEU B 138 -14.77 -3.64 -9.09
CA LEU B 138 -15.23 -2.29 -9.41
C LEU B 138 -15.81 -1.62 -8.19
N HIS B 139 -15.52 -0.32 -8.03
CA HIS B 139 -16.08 0.46 -6.94
C HIS B 139 -17.51 0.87 -7.25
N ARG B 140 -17.73 1.50 -8.41
CA ARG B 140 -19.02 1.89 -8.96
C ARG B 140 -19.59 3.14 -8.30
N ASP B 141 -18.92 3.74 -7.32
CA ASP B 141 -19.43 4.95 -6.69
C ASP B 141 -18.29 5.72 -6.02
N LEU B 142 -17.15 5.82 -6.68
CA LEU B 142 -16.02 6.55 -6.12
C LEU B 142 -16.32 8.04 -6.09
N ALA B 143 -16.09 8.65 -4.93
CA ALA B 143 -16.33 10.08 -4.74
C ALA B 143 -15.81 10.48 -3.37
N ALA B 144 -15.64 11.79 -3.18
CA ALA B 144 -15.13 12.29 -1.91
C ALA B 144 -16.03 11.88 -0.75
N ARG B 145 -17.34 11.77 -0.99
CA ARG B 145 -18.26 11.41 0.08
C ARG B 145 -18.00 9.99 0.60
N ASN B 146 -17.44 9.11 -0.25
CA ASN B 146 -17.16 7.74 0.12
C ASN B 146 -15.72 7.53 0.57
N CYS B 147 -14.97 8.60 0.77
CA CYS B 147 -13.59 8.53 1.25
C CYS B 147 -13.51 9.06 2.68
N LEU B 148 -12.62 8.45 3.47
CA LEU B 148 -12.45 8.80 4.86
C LEU B 148 -10.99 9.19 5.11
N VAL B 149 -10.78 9.97 6.17
CA VAL B 149 -9.46 10.47 6.55
C VAL B 149 -9.20 10.07 8.00
N ASN B 150 -8.00 9.54 8.25
CA ASN B 150 -7.62 9.11 9.59
C ASN B 150 -6.99 10.29 10.34
N ASP B 151 -6.59 10.03 11.58
CA ASP B 151 -6.00 11.09 12.40
C ASP B 151 -4.70 11.61 11.79
N GLN B 152 -3.97 10.77 11.07
CA GLN B 152 -2.71 11.18 10.46
C GLN B 152 -2.90 11.88 9.13
N GLY B 153 -4.13 12.05 8.66
CA GLY B 153 -4.39 12.71 7.40
C GLY B 153 -4.39 11.80 6.19
N VAL B 154 -4.27 10.50 6.37
CA VAL B 154 -4.28 9.55 5.26
C VAL B 154 -5.70 9.35 4.77
N VAL B 155 -5.88 9.31 3.46
CA VAL B 155 -7.18 9.12 2.84
C VAL B 155 -7.33 7.66 2.43
N LYS B 156 -8.51 7.10 2.69
CA LYS B 156 -8.80 5.71 2.35
C LYS B 156 -10.16 5.62 1.68
N VAL B 157 -10.32 4.62 0.81
CA VAL B 157 -11.54 4.42 0.06
C VAL B 157 -12.42 3.40 0.78
N SER B 158 -13.73 3.56 0.64
CA SER B 158 -14.69 2.68 1.27
C SER B 158 -15.97 2.68 0.44
N ASP B 159 -16.93 1.84 0.84
CA ASP B 159 -18.21 1.72 0.16
C ASP B 159 -18.06 1.21 -1.27
N PHE B 160 -17.01 0.43 -1.54
CA PHE B 160 -16.80 -0.13 -2.86
C PHE B 160 -17.67 -1.36 -3.03
N GLY B 161 -18.35 -1.46 -4.19
CA GLY B 161 -19.22 -2.58 -4.47
C GLY B 161 -20.52 -2.59 -3.71
N LEU B 162 -20.89 -1.48 -3.07
CA LEU B 162 -22.13 -1.40 -2.31
C LEU B 162 -23.29 -0.84 -3.10
N SER B 163 -23.02 0.06 -4.04
CA SER B 163 -24.08 0.61 -4.88
C SER B 163 -24.84 -0.48 -5.62
N ARG B 164 -24.23 -1.66 -5.78
CA ARG B 164 -24.87 -2.80 -6.41
C ARG B 164 -26.03 -3.36 -5.60
N TYR B 165 -26.21 -2.90 -4.35
CA TYR B 165 -27.28 -3.39 -3.49
C TYR B 165 -28.19 -2.27 -2.98
N VAL B 166 -28.01 -1.05 -3.46
CA VAL B 166 -28.81 0.07 -2.99
C VAL B 166 -30.25 -0.14 -3.43
N LEU B 167 -31.15 -0.37 -2.48
CA LEU B 167 -32.57 -0.56 -2.76
C LEU B 167 -33.26 0.79 -2.68
N ASP B 168 -33.09 1.58 -3.74
CA ASP B 168 -33.68 2.91 -3.82
C ASP B 168 -35.20 2.84 -3.74
N SER B 177 -32.73 11.55 -13.17
CA SER B 177 -31.35 11.19 -12.89
C SER B 177 -31.03 11.35 -11.41
N LYS B 178 -30.18 10.48 -10.89
CA LYS B 178 -29.80 10.51 -9.48
C LYS B 178 -28.53 11.33 -9.28
N PHE B 179 -28.19 11.55 -8.02
CA PHE B 179 -27.01 12.36 -7.70
C PHE B 179 -25.71 11.76 -8.22
N PRO B 180 -25.50 10.43 -8.19
CA PRO B 180 -24.22 9.88 -8.67
C PRO B 180 -23.94 10.15 -10.14
N VAL B 181 -24.90 10.77 -10.84
CA VAL B 181 -24.71 11.05 -12.26
C VAL B 181 -23.49 11.94 -12.49
N ARG B 182 -23.17 12.81 -11.52
CA ARG B 182 -22.06 13.74 -11.68
C ARG B 182 -20.70 13.04 -11.67
N TRP B 183 -20.65 11.76 -11.34
CA TRP B 183 -19.40 11.00 -11.33
C TRP B 183 -19.43 9.85 -12.35
N SER B 184 -20.39 9.87 -13.28
CA SER B 184 -20.54 8.77 -14.22
C SER B 184 -20.07 9.16 -15.62
N PRO B 185 -19.46 8.25 -16.36
CA PRO B 185 -19.05 8.56 -17.73
C PRO B 185 -20.21 8.42 -18.69
N PRO B 186 -20.01 8.74 -19.98
CA PRO B 186 -21.13 8.64 -20.93
C PRO B 186 -21.70 7.25 -21.05
N GLU B 187 -20.85 6.22 -21.16
CA GLU B 187 -21.35 4.87 -21.37
C GLU B 187 -22.19 4.39 -20.18
N VAL B 188 -21.94 4.94 -18.99
CA VAL B 188 -22.73 4.56 -17.83
C VAL B 188 -24.06 5.30 -17.82
N LEU B 189 -24.05 6.59 -18.13
CA LEU B 189 -25.28 7.37 -18.13
C LEU B 189 -26.26 6.86 -19.18
N MET B 190 -25.77 6.32 -20.29
CA MET B 190 -26.62 5.91 -21.39
C MET B 190 -26.85 4.41 -21.48
N TYR B 191 -25.95 3.60 -20.92
CA TYR B 191 -26.09 2.15 -21.02
C TYR B 191 -25.83 1.42 -19.71
N SER B 192 -25.41 2.10 -18.65
CA SER B 192 -25.02 1.44 -17.42
C SER B 192 -23.89 0.44 -17.66
N LYS B 193 -22.91 0.86 -18.45
CA LYS B 193 -21.79 0.00 -18.83
C LYS B 193 -20.63 0.19 -17.85
N PHE B 194 -20.84 -0.29 -16.63
CA PHE B 194 -19.83 -0.17 -15.59
C PHE B 194 -18.62 -1.03 -15.93
N SER B 195 -17.43 -0.50 -15.66
CA SER B 195 -16.18 -1.18 -15.93
C SER B 195 -15.07 -0.46 -15.17
N SER B 196 -13.84 -0.95 -15.34
CA SER B 196 -12.69 -0.29 -14.73
C SER B 196 -12.53 1.14 -15.24
N LYS B 197 -12.94 1.40 -16.48
CA LYS B 197 -12.81 2.74 -17.04
C LYS B 197 -13.85 3.69 -16.45
N SER B 198 -14.98 3.16 -15.99
CA SER B 198 -15.96 4.02 -15.33
C SER B 198 -15.46 4.50 -13.98
N ASP B 199 -14.71 3.65 -13.27
CA ASP B 199 -14.05 4.10 -12.05
C ASP B 199 -12.97 5.13 -12.35
N ILE B 200 -12.30 5.00 -13.50
CA ILE B 200 -11.32 6.00 -13.90
C ILE B 200 -11.97 7.37 -14.02
N TRP B 201 -13.14 7.42 -14.67
CA TRP B 201 -13.87 8.68 -14.79
C TRP B 201 -14.20 9.25 -13.41
N ALA B 202 -14.73 8.42 -12.52
CA ALA B 202 -15.07 8.88 -11.18
C ALA B 202 -13.83 9.39 -10.45
N PHE B 203 -12.69 8.72 -10.63
CA PHE B 203 -11.46 9.19 -10.00
C PHE B 203 -11.08 10.58 -10.52
N GLY B 204 -11.26 10.82 -11.82
CA GLY B 204 -11.00 12.14 -12.35
C GLY B 204 -11.84 13.21 -11.68
N VAL B 205 -13.12 12.93 -11.47
CA VAL B 205 -13.97 13.88 -10.77
C VAL B 205 -13.54 13.99 -9.30
N LEU B 206 -13.04 12.90 -8.72
CA LEU B 206 -12.57 12.96 -7.34
C LEU B 206 -11.38 13.89 -7.21
N MET B 207 -10.44 13.83 -8.17
CA MET B 207 -9.34 14.79 -8.16
C MET B 207 -9.85 16.22 -8.27
N TRP B 208 -10.87 16.44 -9.09
CA TRP B 208 -11.47 17.77 -9.19
C TRP B 208 -12.07 18.19 -7.86
N GLU B 209 -12.73 17.27 -7.16
CA GLU B 209 -13.28 17.59 -5.84
C GLU B 209 -12.18 17.97 -4.86
N ILE B 210 -11.10 17.19 -4.82
CA ILE B 210 -10.01 17.46 -3.89
C ILE B 210 -9.42 18.84 -4.16
N TYR B 211 -8.98 19.08 -5.40
CA TYR B 211 -8.39 20.37 -5.75
C TYR B 211 -9.41 21.51 -5.73
N SER B 212 -10.70 21.20 -5.69
CA SER B 212 -11.74 22.22 -5.54
C SER B 212 -12.17 22.42 -4.10
N LEU B 213 -11.57 21.68 -3.16
CA LEU B 213 -11.88 21.83 -1.74
C LEU B 213 -13.33 21.46 -1.44
N GLY B 214 -13.79 20.36 -2.04
CA GLY B 214 -15.13 19.87 -1.78
C GLY B 214 -16.22 20.59 -2.53
N LYS B 215 -15.91 21.20 -3.66
CA LYS B 215 -16.92 21.91 -4.44
C LYS B 215 -17.79 20.91 -5.21
N MET B 216 -19.08 21.21 -5.29
CA MET B 216 -20.02 20.34 -5.99
C MET B 216 -19.74 20.36 -7.49
N PRO B 217 -19.41 19.21 -8.09
CA PRO B 217 -19.23 19.19 -9.55
C PRO B 217 -20.50 19.57 -10.27
N TYR B 218 -20.37 20.44 -11.26
CA TYR B 218 -21.52 20.96 -12.01
C TYR B 218 -22.54 21.60 -11.05
N GLU B 219 -22.04 22.54 -10.25
CA GLU B 219 -22.84 23.09 -9.16
C GLU B 219 -24.11 23.76 -9.66
N ARG B 220 -24.08 24.35 -10.85
CA ARG B 220 -25.21 25.10 -11.37
C ARG B 220 -26.25 24.25 -12.08
N PHE B 221 -25.94 22.98 -12.36
CA PHE B 221 -26.84 22.11 -13.11
C PHE B 221 -27.46 21.05 -12.20
N THR B 222 -28.63 20.58 -12.59
CA THR B 222 -29.27 19.45 -11.93
C THR B 222 -28.66 18.15 -12.45
N ASN B 223 -29.08 17.03 -11.86
CA ASN B 223 -28.57 15.73 -12.29
C ASN B 223 -28.87 15.48 -13.77
N SER B 224 -30.08 15.83 -14.21
CA SER B 224 -30.43 15.64 -15.62
C SER B 224 -29.60 16.55 -16.51
N GLU B 225 -29.50 17.83 -16.15
CA GLU B 225 -28.71 18.76 -16.96
C GLU B 225 -27.24 18.35 -17.00
N THR B 226 -26.73 17.80 -15.89
CA THR B 226 -25.35 17.33 -15.87
C THR B 226 -25.15 16.18 -16.85
N ALA B 227 -26.10 15.24 -16.89
CA ALA B 227 -25.98 14.13 -17.82
C ALA B 227 -25.98 14.60 -19.27
N GLU B 228 -26.88 15.53 -19.60
CA GLU B 228 -26.93 16.06 -20.96
C GLU B 228 -25.64 16.81 -21.29
N HIS B 229 -25.15 17.64 -20.36
CA HIS B 229 -23.92 18.37 -20.61
C HIS B 229 -22.73 17.43 -20.76
N ILE B 230 -22.75 16.29 -20.08
CA ILE B 230 -21.67 15.32 -20.22
C ILE B 230 -21.70 14.67 -21.60
N ALA B 231 -22.90 14.27 -22.05
CA ALA B 231 -23.04 13.66 -23.37
C ALA B 231 -22.76 14.65 -24.49
N GLN B 232 -22.62 15.95 -24.19
CA GLN B 232 -22.35 16.96 -25.20
C GLN B 232 -20.89 17.38 -25.23
N GLY B 233 -20.04 16.78 -24.40
CA GLY B 233 -18.62 17.09 -24.39
C GLY B 233 -18.16 18.03 -23.31
N LEU B 234 -19.07 18.54 -22.48
CA LEU B 234 -18.70 19.47 -21.43
C LEU B 234 -17.84 18.76 -20.38
N ARG B 235 -16.75 19.41 -19.97
CA ARG B 235 -15.84 18.88 -18.98
C ARG B 235 -15.69 19.86 -17.82
N LEU B 236 -15.38 19.33 -16.65
CA LEU B 236 -15.19 20.18 -15.48
C LEU B 236 -14.00 21.12 -15.71
N PRO B 237 -14.11 22.38 -15.30
CA PRO B 237 -13.01 23.32 -15.49
C PRO B 237 -11.82 22.99 -14.60
N ARG B 238 -10.72 23.67 -14.87
CA ARG B 238 -9.50 23.46 -14.10
C ARG B 238 -9.61 24.20 -12.76
N PRO B 239 -9.54 23.50 -11.63
CA PRO B 239 -9.58 24.19 -10.33
C PRO B 239 -8.43 25.18 -10.21
N HIS B 240 -8.59 26.12 -9.26
CA HIS B 240 -7.58 27.14 -9.06
C HIS B 240 -6.28 26.55 -8.53
N LEU B 241 -6.38 25.64 -7.54
CA LEU B 241 -5.21 25.07 -6.90
C LEU B 241 -4.62 23.89 -7.66
N ALA B 242 -4.98 23.71 -8.93
CA ALA B 242 -4.50 22.60 -9.74
C ALA B 242 -3.68 23.14 -10.90
N SER B 243 -2.44 22.67 -11.02
CA SER B 243 -1.60 23.07 -12.13
C SER B 243 -2.06 22.39 -13.42
N GLU B 244 -1.51 22.85 -14.55
CA GLU B 244 -1.87 22.27 -15.83
C GLU B 244 -1.51 20.79 -15.89
N ARG B 245 -0.37 20.42 -15.29
CA ARG B 245 0.00 19.00 -15.25
C ARG B 245 -1.00 18.21 -14.43
N VAL B 246 -1.39 18.72 -13.27
CA VAL B 246 -2.37 18.04 -12.44
C VAL B 246 -3.73 18.00 -13.15
N TYR B 247 -4.12 19.11 -13.79
CA TYR B 247 -5.38 19.14 -14.50
C TYR B 247 -5.36 18.22 -15.72
N THR B 248 -4.18 18.02 -16.32
CA THR B 248 -4.09 17.11 -17.45
C THR B 248 -4.30 15.66 -17.02
N ILE B 249 -3.90 15.32 -15.79
CA ILE B 249 -4.10 13.96 -15.30
C ILE B 249 -5.59 13.68 -15.10
N MET B 250 -6.27 14.53 -14.32
CA MET B 250 -7.69 14.34 -14.09
C MET B 250 -8.49 14.44 -15.39
N TYR B 251 -8.03 15.28 -16.33
CA TYR B 251 -8.72 15.41 -17.60
C TYR B 251 -8.56 14.16 -18.45
N SER B 252 -7.46 13.42 -18.28
CA SER B 252 -7.26 12.19 -19.03
C SER B 252 -8.30 11.15 -18.68
N CYS B 253 -8.87 11.21 -17.47
CA CYS B 253 -9.90 10.27 -17.05
C CYS B 253 -11.24 10.54 -17.71
N TRP B 254 -11.37 11.60 -18.51
CA TRP B 254 -12.65 12.02 -19.07
C TRP B 254 -12.70 11.86 -20.59
N HIS B 255 -11.86 11.01 -21.16
CA HIS B 255 -11.93 10.75 -22.59
C HIS B 255 -13.29 10.17 -22.97
N GLU B 256 -13.80 10.56 -24.12
CA GLU B 256 -15.09 10.05 -24.59
C GLU B 256 -15.07 8.53 -24.69
N LYS B 257 -14.06 7.99 -25.37
CA LYS B 257 -13.92 6.54 -25.51
C LYS B 257 -13.34 5.96 -24.23
N ALA B 258 -13.97 4.91 -23.72
CA ALA B 258 -13.52 4.31 -22.47
C ALA B 258 -12.12 3.72 -22.61
N ASP B 259 -11.83 3.07 -23.73
CA ASP B 259 -10.53 2.45 -23.92
C ASP B 259 -9.40 3.47 -24.03
N GLU B 260 -9.72 4.74 -24.33
CA GLU B 260 -8.70 5.78 -24.40
C GLU B 260 -8.36 6.37 -23.03
N ARG B 261 -9.04 5.94 -21.97
CA ARG B 261 -8.76 6.42 -20.63
C ARG B 261 -7.65 5.59 -19.98
N PRO B 262 -6.74 6.22 -19.25
CA PRO B 262 -5.63 5.48 -18.66
C PRO B 262 -6.09 4.64 -17.47
N SER B 263 -5.37 3.54 -17.24
CA SER B 263 -5.62 2.70 -16.09
C SER B 263 -5.06 3.36 -14.83
N PHE B 264 -5.47 2.84 -13.67
CA PHE B 264 -4.97 3.37 -12.41
C PHE B 264 -3.46 3.19 -12.28
N LYS B 265 -2.88 2.23 -13.00
CA LYS B 265 -1.43 2.08 -13.00
CA LYS B 265 -1.43 2.09 -13.00
C LYS B 265 -0.76 3.27 -13.67
N ILE B 266 -1.38 3.81 -14.72
CA ILE B 266 -0.81 4.96 -15.41
C ILE B 266 -1.10 6.23 -14.62
N LEU B 267 -2.29 6.35 -14.03
CA LEU B 267 -2.61 7.51 -13.22
C LEU B 267 -1.65 7.62 -12.04
N LEU B 268 -1.44 6.52 -11.31
CA LEU B 268 -0.49 6.53 -10.22
C LEU B 268 0.90 6.86 -10.71
N SER B 269 1.27 6.37 -11.89
CA SER B 269 2.57 6.71 -12.46
C SER B 269 2.67 8.20 -12.76
N ASN B 270 1.62 8.78 -13.32
CA ASN B 270 1.61 10.22 -13.58
C ASN B 270 1.68 11.01 -12.28
N ILE B 271 0.94 10.57 -11.25
CA ILE B 271 0.96 11.27 -9.98
C ILE B 271 2.34 11.19 -9.33
N LEU B 272 2.97 10.02 -9.41
CA LEU B 272 4.32 9.87 -8.84
C LEU B 272 5.31 10.79 -9.53
N ASP B 273 5.21 10.90 -10.86
CA ASP B 273 6.13 11.75 -11.61
C ASP B 273 5.96 13.21 -11.22
N VAL B 274 4.73 13.66 -11.02
CA VAL B 274 4.49 15.04 -10.63
C VAL B 274 5.01 15.30 -9.22
N MET B 275 4.81 14.34 -8.32
CA MET B 275 5.30 14.50 -6.96
C MET B 275 6.82 14.53 -6.90
N ASP B 276 7.49 13.77 -7.76
CA ASP B 276 8.95 13.71 -7.72
C ASP B 276 9.56 15.06 -8.08
N GLU B 277 8.97 15.77 -9.05
CA GLU B 277 9.49 17.07 -9.42
C GLU B 277 9.31 18.10 -8.32
N GLU B 278 8.29 17.92 -7.48
CA GLU B 278 8.01 18.86 -6.39
C GLU B 278 8.82 18.48 -5.14
N SER B 279 10.14 18.39 -5.33
CA SER B 279 11.04 18.03 -4.24
C SER B 279 10.76 16.61 -3.77
N3 A1BIZ C . 11.55 -5.32 10.59
C4 A1BIZ C . 11.75 -4.01 10.91
C5 A1BIZ C . 11.87 -3.63 12.25
C6 A1BIZ C . 11.80 -4.56 13.23
C13 A1BIZ C . 11.07 -8.77 12.07
C17 A1BIZ C . 11.40 -11.78 9.72
C20 A1BIZ C . 10.06 -11.15 12.09
C21 A1BIZ C . 10.43 -14.12 9.68
C22 A1BIZ C . 9.21 -14.74 9.18
C26 A1BIZ C . 7.85 -14.51 9.06
C28 A1BIZ C . 7.59 -16.56 8.09
C1 A1BIZ C . 11.61 -5.88 12.91
C14 A1BIZ C . 10.88 -10.18 11.47
C16 A1BIZ C . 11.55 -10.52 10.29
C18 A1BIZ C . 10.58 -12.72 10.33
C19 A1BIZ C . 9.91 -12.42 11.50
C2 A1BIZ C . 11.49 -6.26 11.56
C23 A1BIZ C . 9.64 -16.00 8.69
C30 A1BIZ C . 11.76 -17.18 8.51
C32 A1BIZ C . 12.81 -17.41 9.60
C33 A1BIZ C . 13.75 -18.60 9.28
C34 A1BIZ C . 14.30 -18.57 7.82
C36 A1BIZ C . 12.47 -16.92 7.18
C37 A1BIZ C . 13.19 -18.71 5.52
C38 A1BIZ C . 14.07 -19.92 5.12
C40 A1BIZ C . 13.50 -20.85 4.03
C41 A1BIZ C . 13.50 -21.30 5.49
C9 A1BIZ C . 10.72 -3.73 15.17
F10 A1BIZ C . 10.25 -2.62 14.52
F11 A1BIZ C . 10.94 -3.41 16.48
F12 A1BIZ C . 9.78 -4.72 15.10
N24 A1BIZ C . 10.92 -16.03 8.89
N25 A1BIZ C . 11.44 -14.96 9.45
N27 A1BIZ C . 7.04 -15.42 8.52
N29 A1BIZ C . 8.88 -16.94 8.13
N31 A1BIZ C . 7.28 -13.24 9.54
N35 A1BIZ C . 13.33 -18.07 6.85
N8 A1BIZ C . 11.28 -7.66 11.15
O15 A1BIZ C . 11.04 -8.63 13.25
O39 A1BIZ C . 12.39 -18.30 4.74
O7 A1BIZ C . 11.92 -4.17 14.58
H4 A1BIZ C . 11.79 -3.25 10.12
H5 A1BIZ C . 12.01 -2.58 12.50
H17 A1BIZ C . 11.93 -12.03 8.80
H20 A1BIZ C . 9.53 -10.90 13.00
H28 A1BIZ C . 6.89 -17.27 7.65
H1 A1BIZ C . 11.56 -6.64 13.69
H16 A1BIZ C . 12.19 -9.78 9.79
H19 A1BIZ C . 9.28 -13.16 11.98
H30 A1BIZ C . 11.11 -18.05 8.40
H32A A1BIZ C . 12.30 -17.61 10.53
H32B A1BIZ C . 13.40 -16.51 9.70
H33B A1BIZ C . 14.60 -18.57 9.96
H33A A1BIZ C . 13.20 -19.53 9.42
H34B A1BIZ C . 15.17 -17.92 7.80
H34A A1BIZ C . 14.59 -19.58 7.54
H36A A1BIZ C . 13.07 -16.02 7.27
H36B A1BIZ C . 11.72 -16.79 6.40
H38 A1BIZ C . 15.15 -19.84 5.13
H40A A1BIZ C . 14.23 -21.31 3.39
H40B A1BIZ C . 12.53 -20.55 3.63
H41A A1BIZ C . 12.54 -21.29 5.99
H41B A1BIZ C . 14.23 -22.06 5.75
H31B A1BIZ C . 6.40 -13.22 10.01
H31A A1BIZ C . 7.78 -12.38 9.40
H8 A1BIZ C . 11.30 -7.86 10.16
N3 A1BIZ D . -16.94 -0.81 2.21
C4 A1BIZ D . -16.95 -1.84 1.31
C5 A1BIZ D . -17.81 -2.92 1.50
C6 A1BIZ D . -18.63 -2.95 2.59
C13 A1BIZ D . -18.59 0.49 5.37
C17 A1BIZ D . -18.03 4.15 6.32
C20 A1BIZ D . -18.46 1.72 7.64
C21 A1BIZ D . -17.90 5.45 8.48
C22 A1BIZ D . -16.79 5.85 9.35
C26 A1BIZ D . -15.59 5.39 9.87
C28 A1BIZ D . -15.33 7.37 10.98
C1 A1BIZ D . -18.61 -1.92 3.49
C14 A1BIZ D . -18.41 1.75 6.24
C16 A1BIZ D . -18.19 2.98 5.59
C18 A1BIZ D . -18.08 4.12 7.70
C19 A1BIZ D . -18.30 2.91 8.37
C2 A1BIZ D . -17.75 -0.84 3.30
C23 A1BIZ D . -17.15 7.17 9.75
C30 A1BIZ D . -19.01 8.67 9.34
C32 A1BIZ D . -20.50 8.42 9.15
C33 A1BIZ D . -21.34 9.70 9.33
C34 A1BIZ D . -20.81 10.89 8.49
C36 A1BIZ D . -18.55 9.68 8.29
C37 A1BIZ D . -18.64 12.22 8.25
C38 A1BIZ D . -19.41 13.55 8.30
C40 A1BIZ D . -18.61 14.78 8.77
C41 A1BIZ D . -19.63 14.14 9.70
C9 A1BIZ D . -18.95 -5.10 3.58
F10 A1BIZ D . -19.44 -4.98 4.85
F11 A1BIZ D . -17.59 -5.01 3.60
F12 A1BIZ D . -19.33 -6.30 3.05
N24 A1BIZ D . -18.29 7.42 9.18
N25 A1BIZ D . -18.76 6.46 8.42
N27 A1BIZ D . -14.86 6.15 10.68
N29 A1BIZ D . -16.46 7.96 10.58
N31 A1BIZ D . -15.11 4.05 9.51
N35 A1BIZ D . -19.34 10.92 8.33
N8 A1BIZ D . -17.68 0.29 4.23
O15 A1BIZ D . -19.45 -0.29 5.63
O39 A1BIZ D . -17.45 12.24 8.13
O7 A1BIZ D . -19.49 -4.05 2.79
H4 A1BIZ D . -16.29 -1.81 0.44
H5 A1BIZ D . -17.83 -3.74 0.78
H17 A1BIZ D . -17.87 5.10 5.81
H20 A1BIZ D . -18.63 0.79 8.17
H28 A1BIZ D . -14.71 7.96 11.66
H1 A1BIZ D . -19.27 -1.94 4.36
H16 A1BIZ D . -18.15 3.02 4.50
H19 A1BIZ D . -18.35 2.89 9.46
H30 A1BIZ D . -18.82 9.07 10.33
H32A A1BIZ D . -20.83 7.68 9.88
H32B A1BIZ D . -20.67 8.01 8.15
H33B A1BIZ D . -22.37 9.50 9.02
H33A A1BIZ D . -21.34 9.98 10.38
H34B A1BIZ D . -21.25 10.84 7.50
H34A A1BIZ D . -21.11 11.82 8.98
H36A A1BIZ D . -18.67 9.23 7.30
H36B A1BIZ D . -17.50 9.92 8.46
H38 A1BIZ D . -20.18 13.76 7.57
H40A A1BIZ D . -18.91 15.73 8.33
H40B A1BIZ D . -17.57 14.60 9.01
H41A A1BIZ D . -19.22 13.54 10.52
H41B A1BIZ D . -20.56 14.69 9.84
H31B A1BIZ D . -14.49 3.56 10.14
H31A A1BIZ D . -15.40 3.63 8.65
H8 A1BIZ D . -16.97 1.00 4.07
#